data_1ZBV
#
_entry.id   1ZBV
#
_cell.length_a   62.970
_cell.length_b   66.345
_cell.length_c   108.028
_cell.angle_alpha   90.00
_cell.angle_beta   90.00
_cell.angle_gamma   90.00
#
_symmetry.space_group_name_H-M   'P 21 21 21'
#
loop_
_entity.id
_entity.type
_entity.pdbx_description
1 polymer 'Chitinase-3 like protein 1'
2 polymer WPW
3 branched 2-acetamido-2-deoxy-beta-D-glucopyranose-(1-4)-2-acetamido-2-deoxy-beta-D-glucopyranose
4 water water
#
loop_
_entity_poly.entity_id
_entity_poly.type
_entity_poly.pdbx_seq_one_letter_code
_entity_poly.pdbx_strand_id
1 'polypeptide(L)'
;YKLICYYTSWSQYREGDGSCFPDAIDPFLCTHVIYSFANISNNEIDTWEWNDVTLYDTLNTLKNRNPKLKTLLSVGGWNF
GPERFSKIASKTQSRRTFIKSVPPFLRTHGFDGLDLAWLYPGRRDKRHLTALVKEMKAEFAREAQAGTERLLLSAAVSAG
KIAIDRGYDIAQISRHLDFISLLTYDFHGAWRQTVGHHSPLFRGNSDASSRFSNADYAVSYMLRLGAPANKLVMGIPTFG
RSFTLASSKTDVGAPISGPGIPGRFTKEKGILAYYEICDFLHGATTHRFRDQQVPYATKGNQWVAYDDQESVKNKARYLK
NRQLAGAMVWALDLDDFRGTFCGQNLTFPLTSAVKDVLARV
;
A
2 'polypeptide(L)' WPW B
#
loop_
_chem_comp.id
_chem_comp.type
_chem_comp.name
_chem_comp.formula
NAG D-saccharide, beta linking 2-acetamido-2-deoxy-beta-D-glucopyranose 'C8 H15 N O6'
#
# COMPACT_ATOMS: atom_id res chain seq x y z
N TYR A 1 -12.83 -11.94 6.11
CA TYR A 1 -11.49 -11.31 5.94
C TYR A 1 -11.35 -10.59 4.63
N LYS A 2 -10.79 -9.37 4.68
CA LYS A 2 -10.52 -8.54 3.54
C LYS A 2 -9.07 -8.57 3.04
N LEU A 3 -8.91 -8.70 1.72
CA LEU A 3 -7.61 -8.71 1.11
C LEU A 3 -7.54 -7.60 0.03
N ILE A 4 -7.29 -6.36 0.45
CA ILE A 4 -7.23 -5.26 -0.46
C ILE A 4 -5.95 -5.31 -1.20
N CYS A 5 -6.03 -5.20 -2.53
CA CYS A 5 -4.86 -5.25 -3.40
C CYS A 5 -4.73 -4.06 -4.32
N TYR A 6 -3.56 -3.46 -4.37
CA TYR A 6 -3.31 -2.31 -5.21
C TYR A 6 -2.73 -2.68 -6.57
N TYR A 7 -3.16 -1.94 -7.59
CA TYR A 7 -2.67 -2.08 -8.95
C TYR A 7 -2.31 -0.68 -9.40
N THR A 8 -1.10 -0.46 -9.87
CA THR A 8 -0.68 0.87 -10.29
C THR A 8 -0.73 1.05 -11.79
N SER A 9 -1.16 2.25 -12.20
CA SER A 9 -1.30 2.65 -13.60
C SER A 9 -0.02 2.57 -14.41
N TRP A 10 1.05 3.02 -13.81
CA TRP A 10 2.32 3.05 -14.50
C TRP A 10 3.02 1.71 -14.63
N SER A 11 2.44 0.63 -14.16
CA SER A 11 3.12 -0.66 -14.29
C SER A 11 2.89 -1.26 -15.66
N GLN A 12 2.32 -0.47 -16.57
CA GLN A 12 2.03 -0.95 -17.90
C GLN A 12 3.20 -0.68 -18.83
N TYR A 13 3.94 0.36 -18.50
CA TYR A 13 5.08 0.80 -19.30
C TYR A 13 6.34 0.00 -19.10
N ARG A 14 6.38 -0.91 -18.16
CA ARG A 14 7.57 -1.72 -17.95
C ARG A 14 7.81 -2.58 -19.16
N GLU A 15 9.07 -2.97 -19.39
CA GLU A 15 9.36 -3.78 -20.56
C GLU A 15 9.23 -5.27 -20.32
N GLY A 16 9.07 -6.01 -21.41
CA GLY A 16 8.96 -7.46 -21.37
C GLY A 16 7.88 -8.00 -20.47
N ASP A 17 8.30 -8.94 -19.60
CA ASP A 17 7.42 -9.58 -18.64
C ASP A 17 7.04 -8.62 -17.55
N GLY A 18 7.77 -7.53 -17.42
CA GLY A 18 7.47 -6.57 -16.39
C GLY A 18 6.20 -5.79 -16.65
N SER A 19 5.70 -5.86 -17.87
CA SER A 19 4.49 -5.13 -18.23
C SER A 19 3.30 -5.78 -17.58
N CYS A 20 2.45 -4.98 -16.93
CA CYS A 20 1.28 -5.50 -16.24
C CYS A 20 0.01 -4.70 -16.45
N PHE A 21 -1.01 -5.36 -16.94
CA PHE A 21 -2.31 -4.72 -17.17
C PHE A 21 -3.36 -5.35 -16.26
N PRO A 22 -4.45 -4.63 -15.98
CA PRO A 22 -5.52 -5.11 -15.09
C PRO A 22 -5.84 -6.50 -15.47
N ASP A 23 -5.67 -6.73 -16.75
CA ASP A 23 -5.85 -7.99 -17.47
C ASP A 23 -5.19 -9.16 -16.72
N ALA A 24 -4.00 -8.91 -16.19
CA ALA A 24 -3.21 -9.92 -15.51
C ALA A 24 -3.66 -10.28 -14.11
N ILE A 25 -4.81 -9.78 -13.69
CA ILE A 25 -5.25 -10.04 -12.32
C ILE A 25 -6.22 -11.20 -12.13
N ASP A 26 -5.90 -12.06 -11.19
CA ASP A 26 -6.76 -13.16 -10.85
C ASP A 26 -7.96 -12.50 -10.21
N PRO A 27 -9.11 -12.49 -10.87
CA PRO A 27 -10.27 -11.82 -10.34
C PRO A 27 -10.69 -12.40 -9.02
N PHE A 28 -10.42 -13.69 -8.78
CA PHE A 28 -10.82 -14.32 -7.51
C PHE A 28 -9.78 -14.16 -6.43
N LEU A 29 -8.59 -13.68 -6.80
CA LEU A 29 -7.50 -13.51 -5.87
C LEU A 29 -7.85 -12.63 -4.68
N CYS A 30 -8.16 -11.39 -4.95
CA CYS A 30 -8.47 -10.42 -3.90
C CYS A 30 -9.95 -10.20 -3.70
N THR A 31 -10.28 -9.33 -2.76
CA THR A 31 -11.65 -9.00 -2.47
C THR A 31 -11.88 -7.54 -2.85
N HIS A 32 -10.79 -6.79 -2.92
CA HIS A 32 -10.79 -5.38 -3.27
C HIS A 32 -9.50 -5.02 -4.00
N VAL A 33 -9.65 -4.49 -5.20
CA VAL A 33 -8.55 -4.09 -6.02
C VAL A 33 -8.65 -2.59 -6.14
N ILE A 34 -7.59 -1.89 -5.75
CA ILE A 34 -7.55 -0.43 -5.83
C ILE A 34 -6.71 0.07 -7.03
N TYR A 35 -7.35 0.68 -8.02
CA TYR A 35 -6.64 1.22 -9.17
C TYR A 35 -5.89 2.36 -8.59
N SER A 36 -4.61 2.46 -8.90
CA SER A 36 -3.77 3.46 -8.28
C SER A 36 -3.47 4.79 -8.92
N PHE A 37 -4.07 5.77 -8.26
CA PHE A 37 -3.98 7.19 -8.46
C PHE A 37 -4.70 7.88 -9.58
N ALA A 38 -5.85 8.40 -9.19
CA ALA A 38 -6.65 9.19 -10.04
C ALA A 38 -5.99 10.52 -9.78
N ASN A 39 -6.66 11.59 -10.16
CA ASN A 39 -6.07 12.90 -9.93
C ASN A 39 -7.07 13.98 -9.73
N ILE A 40 -6.60 15.21 -9.62
CA ILE A 40 -7.48 16.35 -9.39
C ILE A 40 -7.11 17.52 -10.27
N SER A 41 -8.04 17.97 -11.10
CA SER A 41 -7.82 19.10 -11.99
C SER A 41 -9.00 20.04 -11.88
N ASN A 42 -8.76 21.29 -11.52
CA ASN A 42 -9.85 22.24 -11.34
C ASN A 42 -10.73 21.72 -10.23
N ASN A 43 -10.08 21.40 -9.11
CA ASN A 43 -10.76 20.90 -7.91
C ASN A 43 -11.71 19.75 -8.16
N GLU A 44 -11.43 18.99 -9.21
CA GLU A 44 -12.29 17.87 -9.57
C GLU A 44 -11.45 16.61 -9.84
N ILE A 45 -11.98 15.45 -9.45
CA ILE A 45 -11.25 14.22 -9.68
C ILE A 45 -11.12 14.06 -11.17
N ASP A 46 -10.02 13.49 -11.62
CA ASP A 46 -9.80 13.31 -13.04
C ASP A 46 -8.81 12.14 -13.27
N THR A 47 -8.57 11.82 -14.54
CA THR A 47 -7.68 10.76 -14.91
C THR A 47 -6.22 11.13 -14.75
N TRP A 48 -5.33 10.25 -15.15
CA TRP A 48 -3.90 10.50 -15.02
C TRP A 48 -3.12 10.03 -16.28
N GLU A 49 -3.15 8.74 -16.54
CA GLU A 49 -2.51 8.21 -17.73
C GLU A 49 -3.59 8.36 -18.79
N TRP A 50 -3.17 8.68 -20.02
CA TRP A 50 -4.11 8.86 -21.14
C TRP A 50 -5.17 7.76 -21.25
N ASN A 51 -4.73 6.51 -21.30
CA ASN A 51 -5.67 5.41 -21.46
C ASN A 51 -6.35 4.92 -20.17
N ASP A 52 -6.24 5.65 -19.08
CA ASP A 52 -6.87 5.21 -17.83
C ASP A 52 -8.31 4.73 -18.08
N VAL A 53 -9.08 5.50 -18.83
CA VAL A 53 -10.45 5.10 -19.12
C VAL A 53 -10.49 3.67 -19.64
N THR A 54 -9.52 3.29 -20.42
CA THR A 54 -9.49 1.94 -20.96
C THR A 54 -9.11 0.89 -19.89
N LEU A 55 -8.03 1.14 -19.17
CA LEU A 55 -7.63 0.21 -18.14
C LEU A 55 -8.75 0.12 -17.12
N TYR A 56 -9.37 1.26 -16.79
CA TYR A 56 -10.47 1.30 -15.85
C TYR A 56 -11.43 0.18 -16.18
N ASP A 57 -11.82 0.17 -17.46
CA ASP A 57 -12.77 -0.78 -18.03
C ASP A 57 -12.23 -2.20 -17.99
N THR A 58 -10.97 -2.38 -18.34
CA THR A 58 -10.32 -3.71 -18.34
C THR A 58 -10.40 -4.31 -16.96
N LEU A 59 -10.11 -3.49 -15.97
CA LEU A 59 -10.11 -3.88 -14.57
C LEU A 59 -11.51 -4.08 -14.07
N ASN A 60 -12.40 -3.17 -14.41
CA ASN A 60 -13.76 -3.30 -13.93
C ASN A 60 -14.53 -4.48 -14.56
N THR A 61 -14.03 -5.05 -15.64
CA THR A 61 -14.72 -6.18 -16.25
C THR A 61 -14.53 -7.49 -15.42
N LEU A 62 -13.40 -7.59 -14.73
CA LEU A 62 -13.12 -8.75 -13.92
C LEU A 62 -14.34 -9.05 -13.09
N LYS A 63 -15.06 -8.06 -12.69
CA LYS A 63 -16.26 -8.29 -11.90
C LYS A 63 -17.26 -9.13 -12.60
N ASN A 64 -17.02 -9.32 -13.89
CA ASN A 64 -17.92 -10.14 -14.68
C ASN A 64 -17.67 -11.60 -14.44
N ARG A 65 -16.50 -11.92 -13.91
CA ARG A 65 -16.19 -13.30 -13.61
C ARG A 65 -16.43 -13.58 -12.16
N ASN A 66 -16.17 -12.58 -11.31
CA ASN A 66 -16.42 -12.72 -9.87
C ASN A 66 -17.20 -11.52 -9.42
N PRO A 67 -18.50 -11.65 -9.34
CA PRO A 67 -19.47 -10.62 -8.95
C PRO A 67 -19.26 -10.01 -7.59
N LYS A 68 -18.67 -10.76 -6.67
CA LYS A 68 -18.42 -10.26 -5.33
C LYS A 68 -17.16 -9.42 -5.25
N LEU A 69 -16.45 -9.29 -6.37
CA LEU A 69 -15.24 -8.49 -6.37
C LEU A 69 -15.64 -7.03 -6.34
N LYS A 70 -14.92 -6.19 -5.63
CA LYS A 70 -15.22 -4.79 -5.56
C LYS A 70 -13.96 -4.07 -5.94
N THR A 71 -14.07 -2.93 -6.60
CA THR A 71 -12.90 -2.17 -7.01
C THR A 71 -13.08 -0.77 -6.53
N LEU A 72 -11.94 -0.11 -6.24
CA LEU A 72 -11.90 1.30 -5.76
C LEU A 72 -10.86 2.08 -6.53
N LEU A 73 -11.05 3.40 -6.60
CA LEU A 73 -10.11 4.28 -7.27
C LEU A 73 -9.45 5.06 -6.18
N SER A 74 -8.15 5.23 -6.26
CA SER A 74 -7.42 5.92 -5.22
C SER A 74 -6.97 7.30 -5.71
N VAL A 75 -7.07 8.31 -4.85
CA VAL A 75 -6.65 9.68 -5.18
C VAL A 75 -5.39 10.02 -4.39
N GLY A 76 -4.57 10.91 -4.92
CA GLY A 76 -3.34 11.28 -4.27
C GLY A 76 -2.18 10.43 -4.76
N GLY A 77 -1.46 9.85 -3.82
CA GLY A 77 -0.31 9.05 -4.17
C GLY A 77 0.97 9.83 -3.92
N TRP A 78 2.11 9.21 -4.19
CA TRP A 78 3.42 9.84 -4.00
C TRP A 78 3.74 10.94 -5.01
N ASN A 79 3.49 10.68 -6.29
CA ASN A 79 3.76 11.68 -7.31
C ASN A 79 2.67 12.73 -7.34
N PHE A 80 1.95 12.87 -6.24
CA PHE A 80 0.87 13.84 -6.13
C PHE A 80 1.16 14.74 -4.95
N GLY A 81 1.76 15.88 -5.22
CA GLY A 81 2.12 16.82 -4.15
C GLY A 81 1.13 16.93 -2.99
N PRO A 82 1.55 16.66 -1.76
CA PRO A 82 0.64 16.77 -0.64
C PRO A 82 0.18 18.20 -0.42
N GLU A 83 0.95 19.17 -0.91
CA GLU A 83 0.56 20.56 -0.76
C GLU A 83 -0.73 20.74 -1.51
N ARG A 84 -0.81 20.13 -2.68
CA ARG A 84 -2.00 20.19 -3.52
C ARG A 84 -3.25 19.71 -2.74
N PHE A 85 -3.11 18.57 -2.07
CA PHE A 85 -4.21 18.05 -1.31
C PHE A 85 -4.58 19.09 -0.31
N SER A 86 -3.58 19.47 0.49
CA SER A 86 -3.76 20.48 1.56
C SER A 86 -4.52 21.71 1.09
N LYS A 87 -4.24 22.14 -0.13
CA LYS A 87 -4.87 23.32 -0.71
C LYS A 87 -6.35 23.09 -1.03
N ILE A 88 -6.66 21.90 -1.54
CA ILE A 88 -8.02 21.56 -1.87
C ILE A 88 -8.87 21.37 -0.63
N ALA A 89 -8.27 20.93 0.46
CA ALA A 89 -9.00 20.64 1.70
C ALA A 89 -9.19 21.78 2.70
N SER A 90 -8.53 22.91 2.50
CA SER A 90 -8.66 24.02 3.43
C SER A 90 -9.83 24.96 3.06
N LYS A 91 -10.02 25.20 1.78
CA LYS A 91 -11.11 26.04 1.34
C LYS A 91 -12.34 25.18 1.19
N THR A 92 -13.28 25.32 2.12
CA THR A 92 -14.53 24.58 2.04
C THR A 92 -15.09 24.69 0.62
N GLN A 93 -14.87 25.83 0.01
CA GLN A 93 -15.36 26.08 -1.32
C GLN A 93 -14.74 25.08 -2.33
N SER A 94 -13.43 24.91 -2.29
CA SER A 94 -12.79 24.04 -3.24
C SER A 94 -12.94 22.59 -2.88
N ARG A 95 -13.17 22.32 -1.60
CA ARG A 95 -13.35 20.95 -1.10
C ARG A 95 -14.66 20.36 -1.59
N ARG A 96 -15.74 21.11 -1.41
CA ARG A 96 -17.06 20.70 -1.83
C ARG A 96 -17.00 20.42 -3.30
N THR A 97 -16.54 21.39 -4.07
CA THR A 97 -16.43 21.24 -5.52
C THR A 97 -15.88 19.87 -5.87
N PHE A 98 -14.86 19.46 -5.14
CA PHE A 98 -14.22 18.15 -5.34
C PHE A 98 -15.16 16.99 -4.99
N ILE A 99 -15.57 16.94 -3.74
CA ILE A 99 -16.46 15.93 -3.27
C ILE A 99 -17.56 15.69 -4.26
N LYS A 100 -18.45 16.66 -4.42
CA LYS A 100 -19.56 16.57 -5.35
C LYS A 100 -19.16 16.00 -6.69
N SER A 101 -17.90 16.11 -7.07
CA SER A 101 -17.47 15.62 -8.36
C SER A 101 -17.21 14.15 -8.39
N VAL A 102 -16.91 13.54 -7.25
CA VAL A 102 -16.55 12.13 -7.22
C VAL A 102 -17.59 11.07 -7.66
N PRO A 103 -18.71 11.00 -6.97
CA PRO A 103 -19.72 10.02 -7.31
C PRO A 103 -19.91 9.79 -8.80
N PRO A 104 -20.25 10.83 -9.55
CA PRO A 104 -20.44 10.67 -11.01
C PRO A 104 -19.26 9.96 -11.65
N PHE A 105 -18.08 10.52 -11.46
CA PHE A 105 -16.90 9.93 -12.04
C PHE A 105 -16.80 8.45 -11.71
N LEU A 106 -17.10 8.10 -10.46
CA LEU A 106 -17.05 6.71 -10.06
C LEU A 106 -18.14 5.95 -10.75
N ARG A 107 -19.39 6.37 -10.51
CA ARG A 107 -20.55 5.73 -11.13
C ARG A 107 -20.32 5.52 -12.60
N THR A 108 -19.84 6.56 -13.27
CA THR A 108 -19.57 6.48 -14.71
C THR A 108 -18.62 5.37 -15.04
N HIS A 109 -17.47 5.34 -14.38
CA HIS A 109 -16.43 4.34 -14.70
C HIS A 109 -16.52 2.96 -14.06
N GLY A 110 -17.55 2.74 -13.25
CA GLY A 110 -17.74 1.43 -12.66
C GLY A 110 -17.14 1.10 -11.31
N PHE A 111 -16.49 2.05 -10.67
CA PHE A 111 -15.91 1.78 -9.34
C PHE A 111 -16.96 1.68 -8.27
N ASP A 112 -16.60 1.08 -7.15
CA ASP A 112 -17.55 0.92 -6.04
C ASP A 112 -17.07 1.72 -4.86
N GLY A 113 -16.18 2.67 -5.09
CA GLY A 113 -15.68 3.50 -4.00
C GLY A 113 -14.39 4.27 -4.29
N LEU A 114 -14.07 5.24 -3.43
CA LEU A 114 -12.90 6.05 -3.60
C LEU A 114 -11.96 5.70 -2.49
N ASP A 115 -10.66 5.92 -2.73
CA ASP A 115 -9.60 5.65 -1.75
C ASP A 115 -8.66 6.85 -1.53
N LEU A 116 -8.66 7.44 -0.35
CA LEU A 116 -7.83 8.60 -0.10
C LEU A 116 -6.39 8.26 0.22
N ALA A 117 -5.48 8.59 -0.69
CA ALA A 117 -4.07 8.36 -0.46
C ALA A 117 -3.31 9.68 -0.29
N TRP A 118 -3.91 10.63 0.42
CA TRP A 118 -3.25 11.89 0.70
C TRP A 118 -2.00 11.47 1.47
N LEU A 119 -0.88 11.43 0.79
CA LEU A 119 0.32 10.97 1.44
C LEU A 119 1.04 11.89 2.44
N TYR A 120 0.58 11.74 3.69
CA TYR A 120 1.10 12.40 4.89
C TYR A 120 0.66 13.83 5.05
N PRO A 121 -0.39 14.03 5.80
CA PRO A 121 -0.93 15.34 6.12
C PRO A 121 -0.09 16.02 7.18
N GLY A 122 -0.15 17.32 7.23
CA GLY A 122 0.64 18.02 8.22
C GLY A 122 -0.08 18.32 9.53
N ARG A 123 0.66 18.80 10.51
CA ARG A 123 0.06 19.16 11.77
C ARG A 123 -1.00 20.20 11.48
N ARG A 124 -0.79 20.96 10.42
CA ARG A 124 -1.73 22.00 10.02
C ARG A 124 -2.85 21.48 9.16
N ASP A 125 -2.88 20.17 8.91
CA ASP A 125 -3.90 19.58 8.04
C ASP A 125 -4.92 18.67 8.70
N LYS A 126 -4.61 18.15 9.88
CA LYS A 126 -5.47 17.24 10.62
C LYS A 126 -6.93 17.71 10.56
N ARG A 127 -7.16 18.92 11.02
CA ARG A 127 -8.52 19.48 11.07
C ARG A 127 -9.30 19.40 9.77
N HIS A 128 -8.63 19.53 8.64
CA HIS A 128 -9.32 19.51 7.36
C HIS A 128 -9.47 18.11 6.79
N LEU A 129 -8.52 17.23 7.14
CA LEU A 129 -8.61 15.84 6.68
C LEU A 129 -9.96 15.35 7.20
N THR A 130 -10.14 15.52 8.51
CA THR A 130 -11.36 15.09 9.14
C THR A 130 -12.53 15.64 8.35
N ALA A 131 -12.49 16.93 8.09
CA ALA A 131 -13.58 17.57 7.34
C ALA A 131 -13.85 16.84 6.03
N LEU A 132 -12.76 16.65 5.28
CA LEU A 132 -12.80 15.99 3.98
C LEU A 132 -13.46 14.65 4.08
N VAL A 133 -13.03 13.87 5.07
CA VAL A 133 -13.56 12.53 5.25
C VAL A 133 -15.03 12.54 5.66
N LYS A 134 -15.30 13.35 6.68
CA LYS A 134 -16.64 13.50 7.26
C LYS A 134 -17.64 13.95 6.20
N GLU A 135 -17.23 14.94 5.41
CA GLU A 135 -18.11 15.46 4.38
C GLU A 135 -18.24 14.49 3.20
N MET A 136 -17.12 13.97 2.73
CA MET A 136 -17.12 13.04 1.60
C MET A 136 -18.04 11.85 1.85
N LYS A 137 -17.95 11.30 3.07
CA LYS A 137 -18.75 10.15 3.47
C LYS A 137 -20.21 10.57 3.44
N ALA A 138 -20.47 11.81 3.87
CA ALA A 138 -21.82 12.34 3.89
C ALA A 138 -22.41 12.41 2.48
N GLU A 139 -21.62 12.92 1.55
CA GLU A 139 -22.04 13.06 0.16
C GLU A 139 -22.42 11.70 -0.37
N PHE A 140 -21.57 10.73 -0.03
CA PHE A 140 -21.75 9.35 -0.45
C PHE A 140 -23.07 8.72 0.03
N ALA A 141 -23.43 8.91 1.30
CA ALA A 141 -24.66 8.37 1.86
C ALA A 141 -25.83 8.98 1.19
N ARG A 142 -25.78 10.29 1.01
CA ARG A 142 -26.86 11.02 0.37
C ARG A 142 -27.10 10.46 -1.01
N GLU A 143 -26.03 10.21 -1.72
CA GLU A 143 -26.12 9.68 -3.07
C GLU A 143 -26.86 8.35 -3.06
N ALA A 144 -26.61 7.52 -2.07
CA ALA A 144 -27.27 6.20 -1.97
C ALA A 144 -28.77 6.28 -2.01
N GLN A 145 -29.29 7.46 -1.65
CA GLN A 145 -30.73 7.71 -1.66
C GLN A 145 -31.29 7.48 -3.04
N ALA A 146 -30.47 7.67 -4.04
CA ALA A 146 -30.85 7.51 -5.42
C ALA A 146 -31.22 6.06 -5.72
N GLY A 147 -31.26 5.24 -4.69
CA GLY A 147 -31.67 3.87 -4.89
C GLY A 147 -30.59 2.91 -5.31
N THR A 148 -29.35 3.32 -5.21
CA THR A 148 -28.25 2.43 -5.59
C THR A 148 -27.30 2.15 -4.40
N GLU A 149 -26.46 1.14 -4.57
CA GLU A 149 -25.48 0.71 -3.58
C GLU A 149 -24.60 1.89 -3.18
N ARG A 150 -24.41 2.10 -1.89
CA ARG A 150 -23.59 3.21 -1.41
C ARG A 150 -22.12 3.00 -1.65
N LEU A 151 -21.44 4.04 -2.14
CA LEU A 151 -20.01 3.95 -2.46
C LEU A 151 -19.15 3.80 -1.20
N LEU A 152 -17.99 3.16 -1.35
CA LEU A 152 -17.09 2.90 -0.25
C LEU A 152 -16.04 3.99 -0.14
N LEU A 153 -15.72 4.36 1.09
CA LEU A 153 -14.72 5.39 1.35
C LEU A 153 -13.65 4.84 2.28
N SER A 154 -12.41 4.81 1.80
CA SER A 154 -11.30 4.27 2.60
C SER A 154 -10.10 5.20 2.51
N ALA A 155 -9.04 4.91 3.24
CA ALA A 155 -7.86 5.76 3.24
C ALA A 155 -6.54 5.08 3.64
N ALA A 156 -5.50 5.42 2.90
CA ALA A 156 -4.18 4.90 3.11
C ALA A 156 -3.50 5.80 4.16
N VAL A 157 -3.26 5.24 5.33
CA VAL A 157 -2.71 5.99 6.42
C VAL A 157 -1.28 5.60 6.79
N SER A 158 -0.51 6.55 7.29
CA SER A 158 0.86 6.27 7.70
C SER A 158 0.87 5.50 8.97
N ALA A 159 1.91 4.72 9.19
CA ALA A 159 2.05 3.91 10.40
C ALA A 159 3.13 4.46 11.29
N GLY A 160 3.54 5.68 11.08
CA GLY A 160 4.59 6.29 11.92
C GLY A 160 3.97 7.12 13.03
N LYS A 161 4.18 6.67 14.26
CA LYS A 161 3.64 7.35 15.44
C LYS A 161 3.59 8.85 15.24
N ILE A 162 4.75 9.45 15.13
CA ILE A 162 4.82 10.89 14.94
C ILE A 162 3.96 11.34 13.77
N ALA A 163 4.06 10.62 12.68
CA ALA A 163 3.28 10.95 11.48
C ALA A 163 1.82 10.97 11.87
N ILE A 164 1.43 9.91 12.56
CA ILE A 164 0.04 9.77 12.97
C ILE A 164 -0.38 10.84 13.92
N ASP A 165 0.43 11.07 14.95
CA ASP A 165 0.13 12.09 15.96
C ASP A 165 0.07 13.47 15.33
N ARG A 166 0.94 13.70 14.36
CA ARG A 166 1.01 14.98 13.69
C ARG A 166 -0.25 15.36 12.93
N GLY A 167 -0.68 14.53 11.98
CA GLY A 167 -1.84 14.90 11.17
C GLY A 167 -3.07 14.03 11.04
N TYR A 168 -3.29 13.10 11.95
CA TYR A 168 -4.46 12.26 11.84
C TYR A 168 -5.33 12.28 13.09
N ASP A 169 -6.62 12.41 12.88
CA ASP A 169 -7.58 12.41 13.97
C ASP A 169 -8.27 11.04 13.97
N ILE A 170 -7.48 9.99 14.07
CA ILE A 170 -7.98 8.62 14.07
C ILE A 170 -9.34 8.38 14.70
N ALA A 171 -9.50 8.74 15.96
CA ALA A 171 -10.80 8.56 16.64
C ALA A 171 -11.96 9.13 15.80
N GLN A 172 -11.68 10.15 15.01
CA GLN A 172 -12.70 10.74 14.18
C GLN A 172 -12.92 9.94 12.90
N ILE A 173 -11.98 10.06 11.99
CA ILE A 173 -12.08 9.40 10.72
C ILE A 173 -12.40 7.95 10.83
N SER A 174 -12.10 7.31 11.94
CA SER A 174 -12.40 5.88 12.10
C SER A 174 -13.85 5.58 11.98
N ARG A 175 -14.67 6.57 12.33
CA ARG A 175 -16.12 6.39 12.32
C ARG A 175 -16.76 6.67 10.98
N HIS A 176 -16.02 7.36 10.10
CA HIS A 176 -16.53 7.67 8.76
C HIS A 176 -15.99 6.76 7.68
N LEU A 177 -14.77 6.30 7.83
CA LEU A 177 -14.14 5.42 6.85
C LEU A 177 -14.69 4.01 6.89
N ASP A 178 -14.68 3.33 5.75
CA ASP A 178 -15.16 1.95 5.64
C ASP A 178 -14.01 1.05 6.10
N PHE A 179 -12.77 1.44 5.81
CA PHE A 179 -11.62 0.71 6.28
C PHE A 179 -10.36 1.55 6.17
N ILE A 180 -9.38 1.27 7.02
CA ILE A 180 -8.15 2.03 7.10
C ILE A 180 -6.93 1.18 6.75
N SER A 181 -6.20 1.56 5.70
CA SER A 181 -5.03 0.79 5.32
C SER A 181 -3.82 1.34 5.96
N LEU A 182 -3.17 0.55 6.82
CA LEU A 182 -1.95 0.96 7.50
C LEU A 182 -0.72 0.71 6.67
N LEU A 183 -0.04 1.79 6.29
CA LEU A 183 1.20 1.69 5.50
C LEU A 183 2.30 1.15 6.38
N THR A 184 2.22 -0.15 6.65
CA THR A 184 3.16 -0.75 7.54
C THR A 184 4.37 -1.35 6.83
N TYR A 185 5.05 -0.54 6.05
CA TYR A 185 6.22 -1.03 5.38
C TYR A 185 7.17 0.07 5.00
N ASP A 186 6.90 1.28 5.45
CA ASP A 186 7.79 2.42 5.16
C ASP A 186 8.53 2.79 6.44
N PHE A 187 8.95 1.80 7.18
CA PHE A 187 9.58 2.04 8.45
C PHE A 187 11.02 2.48 8.43
N HIS A 188 11.88 1.80 7.70
CA HIS A 188 13.28 2.25 7.68
C HIS A 188 13.44 3.62 7.04
N GLY A 189 14.11 4.51 7.77
CA GLY A 189 14.35 5.88 7.32
C GLY A 189 15.12 6.08 6.02
N ALA A 190 14.46 6.75 5.09
CA ALA A 190 15.08 7.05 3.81
C ALA A 190 16.07 8.20 4.03
N TRP A 191 16.16 8.64 5.28
CA TRP A 191 17.03 9.74 5.67
C TRP A 191 18.45 9.34 6.12
N ARG A 192 18.61 8.22 6.81
CA ARG A 192 19.94 7.89 7.28
C ARG A 192 20.64 6.66 6.75
N GLN A 193 21.96 6.80 6.62
CA GLN A 193 22.86 5.78 6.13
C GLN A 193 23.01 4.63 7.09
N THR A 194 22.40 3.50 6.76
CA THR A 194 22.48 2.30 7.57
C THR A 194 21.52 1.24 7.09
N VAL A 195 22.04 0.02 7.05
CA VAL A 195 21.28 -1.13 6.66
C VAL A 195 20.17 -1.24 7.67
N GLY A 196 18.96 -1.51 7.22
CA GLY A 196 17.82 -1.65 8.11
C GLY A 196 16.62 -2.21 7.37
N HIS A 197 15.71 -2.88 8.07
CA HIS A 197 14.55 -3.44 7.41
C HIS A 197 13.37 -2.46 7.42
N HIS A 198 12.76 -2.27 6.28
CA HIS A 198 11.65 -1.35 6.12
C HIS A 198 10.35 -1.85 6.66
N SER A 199 10.10 -3.16 6.66
CA SER A 199 8.82 -3.70 7.15
C SER A 199 8.98 -4.78 8.23
N PRO A 200 9.64 -4.44 9.32
CA PRO A 200 9.83 -5.43 10.38
C PRO A 200 8.47 -5.77 10.97
N LEU A 201 8.30 -6.96 11.50
CA LEU A 201 7.02 -7.30 12.11
C LEU A 201 7.09 -6.95 13.54
N PHE A 202 8.20 -7.27 14.17
CA PHE A 202 8.38 -7.03 15.59
C PHE A 202 9.50 -6.08 15.96
N ARG A 203 9.35 -5.48 17.14
CA ARG A 203 10.30 -4.53 17.72
C ARG A 203 11.77 -4.93 17.61
N GLY A 204 12.04 -6.21 17.71
CA GLY A 204 13.41 -6.66 17.62
C GLY A 204 14.08 -6.44 18.96
N ASN A 205 14.03 -7.48 19.79
CA ASN A 205 14.61 -7.49 21.14
C ASN A 205 16.07 -7.04 21.23
N SER A 206 16.61 -6.46 20.15
CA SER A 206 18.00 -6.04 20.13
C SER A 206 18.30 -4.54 20.01
N ASP A 207 17.36 -3.70 19.56
CA ASP A 207 17.68 -2.28 19.40
C ASP A 207 16.74 -1.28 20.09
N ALA A 208 17.20 -0.78 21.23
CA ALA A 208 16.49 0.19 22.08
C ALA A 208 15.60 1.26 21.44
N SER A 209 16.23 2.27 20.82
CA SER A 209 15.50 3.37 20.20
C SER A 209 14.68 2.98 18.97
N SER A 210 13.61 3.75 18.75
CA SER A 210 12.69 3.57 17.63
C SER A 210 11.98 2.21 17.68
N ARG A 211 11.29 1.98 18.79
CA ARG A 211 10.48 0.79 18.96
C ARG A 211 9.16 1.07 18.27
N PHE A 212 9.00 2.33 17.84
CA PHE A 212 7.79 2.74 17.16
C PHE A 212 7.84 2.37 15.69
N SER A 213 8.91 1.71 15.28
CA SER A 213 9.06 1.31 13.88
C SER A 213 8.95 -0.16 13.63
N ASN A 214 7.73 -0.66 13.55
CA ASN A 214 7.44 -2.05 13.25
C ASN A 214 5.93 -2.22 13.28
N ALA A 215 5.43 -3.12 12.44
CA ALA A 215 4.01 -3.40 12.33
C ALA A 215 3.31 -3.55 13.70
N ASP A 216 3.88 -4.38 14.57
CA ASP A 216 3.27 -4.61 15.87
C ASP A 216 2.87 -3.37 16.64
N TYR A 217 3.78 -2.42 16.78
CA TYR A 217 3.46 -1.18 17.49
C TYR A 217 2.42 -0.36 16.73
N ALA A 218 2.58 -0.27 15.43
CA ALA A 218 1.64 0.46 14.61
C ALA A 218 0.22 0.04 14.97
N VAL A 219 -0.09 -1.24 14.71
CA VAL A 219 -1.41 -1.81 14.99
C VAL A 219 -1.84 -1.48 16.43
N SER A 220 -1.03 -1.89 17.40
CA SER A 220 -1.32 -1.66 18.80
C SER A 220 -1.65 -0.23 19.01
N TYR A 221 -0.83 0.66 18.47
CA TYR A 221 -1.04 2.11 18.69
C TYR A 221 -2.37 2.63 18.08
N MET A 222 -2.66 2.22 16.84
CA MET A 222 -3.87 2.59 16.15
C MET A 222 -5.02 2.23 17.02
N LEU A 223 -5.02 1.01 17.51
CA LEU A 223 -6.10 0.52 18.38
C LEU A 223 -6.24 1.42 19.62
N ARG A 224 -5.13 1.81 20.22
CA ARG A 224 -5.23 2.69 21.35
C ARG A 224 -5.97 3.95 20.94
N LEU A 225 -5.48 4.64 19.91
CA LEU A 225 -6.11 5.85 19.41
C LEU A 225 -7.61 5.73 19.06
N GLY A 226 -8.15 4.51 19.04
CA GLY A 226 -9.56 4.36 18.75
C GLY A 226 -9.96 3.60 17.50
N ALA A 227 -9.08 3.46 16.53
CA ALA A 227 -9.41 2.72 15.33
C ALA A 227 -9.98 1.34 15.69
N PRO A 228 -11.20 1.07 15.29
CA PRO A 228 -11.81 -0.22 15.57
C PRO A 228 -11.05 -1.32 14.88
N ALA A 229 -10.81 -2.43 15.57
CA ALA A 229 -10.03 -3.50 15.00
C ALA A 229 -10.67 -4.03 13.73
N ASN A 230 -11.99 -3.88 13.62
CA ASN A 230 -12.67 -4.40 12.43
C ASN A 230 -12.63 -3.46 11.22
N LYS A 231 -11.93 -2.34 11.37
CA LYS A 231 -11.75 -1.38 10.27
C LYS A 231 -10.26 -1.29 9.86
N LEU A 232 -9.37 -1.85 10.68
CA LEU A 232 -7.97 -1.81 10.35
C LEU A 232 -7.58 -2.83 9.29
N VAL A 233 -6.58 -2.49 8.48
CA VAL A 233 -6.04 -3.34 7.46
C VAL A 233 -4.51 -3.16 7.43
N MET A 234 -3.79 -4.24 7.67
CA MET A 234 -2.37 -4.15 7.71
C MET A 234 -1.79 -4.20 6.32
N GLY A 235 -0.88 -3.28 6.04
CA GLY A 235 -0.27 -3.24 4.73
C GLY A 235 0.91 -4.18 4.65
N ILE A 236 1.01 -4.91 3.55
CA ILE A 236 2.11 -5.83 3.34
C ILE A 236 2.78 -5.49 2.01
N PRO A 237 4.07 -5.27 2.03
CA PRO A 237 4.79 -4.90 0.83
C PRO A 237 5.06 -6.15 0.05
N THR A 238 5.11 -5.99 -1.27
CA THR A 238 5.36 -7.10 -2.15
C THR A 238 6.63 -6.76 -2.92
N PHE A 239 7.39 -5.82 -2.36
CA PHE A 239 8.64 -5.40 -2.93
C PHE A 239 9.71 -5.40 -1.87
N GLY A 240 10.89 -4.88 -2.20
CA GLY A 240 11.98 -4.85 -1.25
C GLY A 240 12.82 -3.62 -1.45
N ARG A 241 13.56 -3.22 -0.44
CA ARG A 241 14.39 -2.06 -0.56
C ARG A 241 15.84 -2.47 -0.67
N SER A 242 16.50 -2.00 -1.73
CA SER A 242 17.90 -2.33 -1.99
C SER A 242 18.81 -1.21 -1.57
N PHE A 243 20.00 -1.56 -1.07
CA PHE A 243 21.01 -0.61 -0.63
C PHE A 243 22.39 -0.96 -1.16
N THR A 244 23.16 0.08 -1.50
CA THR A 244 24.54 -0.11 -1.97
C THR A 244 25.45 -0.02 -0.75
N LEU A 245 25.91 -1.16 -0.28
CA LEU A 245 26.79 -1.19 0.89
C LEU A 245 27.99 -0.26 0.68
N ALA A 246 28.53 0.24 1.77
CA ALA A 246 29.69 1.13 1.73
C ALA A 246 30.85 0.53 2.55
N SER A 247 30.77 -0.78 2.78
CA SER A 247 31.78 -1.50 3.55
C SER A 247 31.50 -2.99 3.45
N SER A 248 32.51 -3.80 3.74
CA SER A 248 32.32 -5.24 3.68
C SER A 248 31.39 -5.70 4.82
N LYS A 249 30.85 -4.76 5.58
CA LYS A 249 29.97 -5.10 6.67
C LYS A 249 28.57 -5.44 6.11
N THR A 250 28.09 -6.64 6.41
CA THR A 250 26.81 -7.10 5.91
C THR A 250 25.77 -7.23 7.02
N ASP A 251 26.23 -7.36 8.26
CA ASP A 251 25.34 -7.53 9.41
C ASP A 251 24.65 -6.24 9.80
N VAL A 252 23.74 -6.36 10.76
CA VAL A 252 22.94 -5.25 11.27
C VAL A 252 23.74 -3.98 11.51
N GLY A 253 23.19 -2.85 11.05
CA GLY A 253 23.82 -1.55 11.24
C GLY A 253 24.99 -1.20 10.33
N ALA A 254 25.32 -2.07 9.36
CA ALA A 254 26.41 -1.82 8.42
C ALA A 254 26.23 -0.53 7.60
N PRO A 255 27.32 0.11 7.18
CA PRO A 255 27.30 1.33 6.39
C PRO A 255 26.56 1.26 5.06
N ILE A 256 26.12 2.38 4.56
CA ILE A 256 25.39 2.42 3.31
C ILE A 256 25.80 3.65 2.51
N SER A 257 26.32 3.46 1.31
CA SER A 257 26.71 4.60 0.50
C SER A 257 25.52 5.11 -0.30
N GLY A 258 24.49 4.29 -0.47
CA GLY A 258 23.32 4.73 -1.21
C GLY A 258 22.33 3.64 -1.60
N PRO A 259 21.30 4.00 -2.39
CA PRO A 259 20.28 3.07 -2.86
C PRO A 259 20.86 2.05 -3.81
N GLY A 260 20.46 0.80 -3.68
CA GLY A 260 20.98 -0.21 -4.56
C GLY A 260 20.67 0.16 -6.01
N ILE A 261 21.28 -0.56 -6.94
CA ILE A 261 21.07 -0.37 -8.35
C ILE A 261 19.65 -0.75 -8.76
N PRO A 262 19.16 -0.21 -9.85
CA PRO A 262 17.82 -0.50 -10.34
C PRO A 262 17.58 -1.97 -10.68
N GLY A 263 16.37 -2.25 -11.12
CA GLY A 263 15.99 -3.60 -11.50
C GLY A 263 15.82 -3.61 -12.99
N ARG A 264 16.00 -4.75 -13.64
CA ARG A 264 15.88 -4.80 -15.09
C ARG A 264 14.56 -4.26 -15.61
N PHE A 265 13.47 -4.50 -14.89
CA PHE A 265 12.16 -4.06 -15.32
C PHE A 265 11.63 -2.92 -14.48
N THR A 266 11.96 -2.93 -13.20
CA THR A 266 11.53 -1.89 -12.30
C THR A 266 12.19 -0.54 -12.59
N LYS A 267 13.48 -0.57 -12.88
CA LYS A 267 14.24 0.66 -13.19
C LYS A 267 13.99 1.79 -12.20
N GLU A 268 14.42 1.64 -10.96
CA GLU A 268 14.28 2.69 -9.95
C GLU A 268 15.22 2.31 -8.82
N LYS A 269 15.89 3.29 -8.22
CA LYS A 269 16.88 3.05 -7.17
C LYS A 269 16.33 2.82 -5.79
N GLY A 270 16.75 1.71 -5.19
CA GLY A 270 16.32 1.33 -3.85
C GLY A 270 15.12 0.41 -3.87
N ILE A 271 14.46 0.29 -5.01
CA ILE A 271 13.26 -0.54 -5.12
C ILE A 271 13.38 -1.78 -6.03
N LEU A 272 12.90 -2.90 -5.56
CA LEU A 272 12.93 -4.10 -6.35
C LEU A 272 11.65 -4.85 -6.23
N ALA A 273 11.11 -5.26 -7.36
CA ALA A 273 9.89 -6.04 -7.36
C ALA A 273 10.21 -7.43 -6.78
N TYR A 274 9.21 -8.14 -6.27
CA TYR A 274 9.47 -9.46 -5.70
C TYR A 274 10.05 -10.36 -6.76
N TYR A 275 9.46 -10.39 -7.94
CA TYR A 275 9.97 -11.25 -9.00
C TYR A 275 11.36 -10.90 -9.40
N GLU A 276 11.77 -9.64 -9.27
CA GLU A 276 13.14 -9.26 -9.63
C GLU A 276 14.01 -9.83 -8.54
N ILE A 277 13.53 -9.65 -7.31
CA ILE A 277 14.19 -10.15 -6.11
C ILE A 277 14.34 -11.64 -6.20
N CYS A 278 13.45 -12.30 -6.90
CA CYS A 278 13.57 -13.75 -7.03
C CYS A 278 14.84 -14.11 -7.78
N ASP A 279 15.05 -13.42 -8.91
CA ASP A 279 16.20 -13.67 -9.73
C ASP A 279 17.43 -13.31 -8.90
N PHE A 280 17.39 -12.15 -8.25
CA PHE A 280 18.51 -11.69 -7.41
C PHE A 280 19.06 -12.76 -6.43
N LEU A 281 18.16 -13.41 -5.68
CA LEU A 281 18.53 -14.39 -4.69
C LEU A 281 19.61 -15.35 -5.12
N HIS A 282 19.51 -15.88 -6.34
CA HIS A 282 20.52 -16.79 -6.88
C HIS A 282 21.94 -16.26 -6.65
N GLY A 283 22.73 -16.94 -5.83
CA GLY A 283 24.07 -16.48 -5.55
C GLY A 283 24.11 -15.36 -4.52
N ALA A 284 23.08 -15.31 -3.70
CA ALA A 284 23.02 -14.30 -2.66
C ALA A 284 22.86 -15.03 -1.36
N THR A 285 23.51 -14.54 -0.32
CA THR A 285 23.41 -15.15 1.00
C THR A 285 22.13 -14.70 1.71
N THR A 286 21.23 -15.63 1.99
CA THR A 286 19.98 -15.26 2.64
C THR A 286 20.06 -15.22 4.16
N HIS A 287 19.67 -14.10 4.74
CA HIS A 287 19.66 -13.92 6.19
C HIS A 287 18.25 -13.61 6.63
N ARG A 288 17.99 -13.76 7.93
CA ARG A 288 16.67 -13.49 8.47
C ARG A 288 16.73 -13.13 9.92
N PHE A 289 16.26 -11.92 10.26
CA PHE A 289 16.20 -11.40 11.63
C PHE A 289 15.19 -12.22 12.42
N ARG A 290 15.61 -12.92 13.45
CA ARG A 290 14.67 -13.72 14.22
C ARG A 290 13.71 -12.81 14.98
N ASP A 291 14.25 -11.78 15.61
CA ASP A 291 13.43 -10.88 16.38
C ASP A 291 12.34 -10.21 15.59
N GLN A 292 12.66 -9.70 14.40
CA GLN A 292 11.66 -9.03 13.55
C GLN A 292 10.93 -9.96 12.59
N GLN A 293 11.45 -11.16 12.43
CA GLN A 293 10.83 -12.16 11.56
C GLN A 293 10.71 -11.69 10.14
N VAL A 294 11.82 -11.29 9.55
CA VAL A 294 11.84 -10.82 8.17
C VAL A 294 13.19 -11.16 7.53
N PRO A 295 13.25 -11.36 6.24
CA PRO A 295 14.50 -11.66 5.60
C PRO A 295 15.18 -10.57 4.77
N TYR A 296 16.50 -10.75 4.58
CA TYR A 296 17.28 -9.83 3.77
C TYR A 296 18.40 -10.55 3.07
N ALA A 297 18.68 -10.16 1.83
CA ALA A 297 19.73 -10.79 1.07
C ALA A 297 20.83 -9.79 0.74
N THR A 298 22.02 -10.33 0.49
CA THR A 298 23.20 -9.56 0.16
C THR A 298 23.98 -10.33 -0.88
N LYS A 299 24.37 -9.61 -1.92
CA LYS A 299 25.16 -10.17 -3.02
C LYS A 299 26.10 -9.07 -3.44
N GLY A 300 27.41 -9.34 -3.42
CA GLY A 300 28.35 -8.31 -3.79
C GLY A 300 28.25 -7.11 -2.85
N ASN A 301 28.05 -5.92 -3.38
CA ASN A 301 27.95 -4.73 -2.55
C ASN A 301 26.46 -4.32 -2.47
N GLN A 302 25.61 -5.27 -2.79
CA GLN A 302 24.17 -5.08 -2.76
C GLN A 302 23.54 -5.74 -1.53
N TRP A 303 22.73 -4.96 -0.81
CA TRP A 303 22.06 -5.45 0.39
C TRP A 303 20.57 -5.20 0.18
N VAL A 304 19.76 -6.24 0.35
CA VAL A 304 18.32 -6.11 0.14
C VAL A 304 17.45 -6.64 1.25
N ALA A 305 16.54 -5.81 1.75
CA ALA A 305 15.58 -6.16 2.79
C ALA A 305 14.26 -6.39 2.07
N TYR A 306 13.63 -7.56 2.30
CA TYR A 306 12.40 -7.86 1.57
C TYR A 306 11.53 -8.83 2.32
N ASP A 307 10.40 -9.21 1.71
CA ASP A 307 9.46 -10.18 2.26
C ASP A 307 9.25 -11.37 1.38
N ASP A 308 9.17 -12.54 1.99
CA ASP A 308 8.94 -13.78 1.29
C ASP A 308 7.66 -14.48 1.75
N GLN A 309 7.34 -15.62 1.16
CA GLN A 309 6.14 -16.35 1.50
C GLN A 309 5.98 -16.55 2.96
N GLU A 310 7.08 -16.81 3.65
CA GLU A 310 6.99 -17.06 5.10
C GLU A 310 6.92 -15.79 5.96
N SER A 311 7.60 -14.73 5.57
CA SER A 311 7.54 -13.52 6.34
C SER A 311 6.12 -13.02 6.22
N VAL A 312 5.65 -13.05 5.00
CA VAL A 312 4.29 -12.60 4.68
C VAL A 312 3.24 -13.44 5.43
N LYS A 313 3.44 -14.74 5.52
CA LYS A 313 2.49 -15.59 6.24
C LYS A 313 2.39 -15.23 7.71
N ASN A 314 3.51 -14.87 8.31
CA ASN A 314 3.51 -14.49 9.70
C ASN A 314 2.57 -13.34 9.99
N LYS A 315 2.82 -12.23 9.32
CA LYS A 315 2.02 -11.06 9.43
C LYS A 315 0.59 -11.44 9.22
N ALA A 316 0.30 -12.20 8.19
CA ALA A 316 -1.06 -12.62 7.94
C ALA A 316 -1.64 -13.24 9.24
N ARG A 317 -0.87 -14.11 9.89
CA ARG A 317 -1.35 -14.70 11.12
C ARG A 317 -1.50 -13.63 12.21
N TYR A 318 -0.50 -12.78 12.36
CA TYR A 318 -0.56 -11.71 13.37
C TYR A 318 -1.85 -10.99 13.17
N LEU A 319 -2.00 -10.43 11.98
CA LEU A 319 -3.17 -9.70 11.54
C LEU A 319 -4.44 -10.32 12.09
N LYS A 320 -4.47 -11.65 12.08
CA LYS A 320 -5.65 -12.41 12.53
C LYS A 320 -5.72 -12.57 14.05
N ASN A 321 -4.59 -12.68 14.72
CA ASN A 321 -4.61 -12.87 16.15
C ASN A 321 -5.10 -11.67 16.94
N ARG A 322 -4.93 -10.49 16.37
CA ARG A 322 -5.40 -9.26 17.00
C ARG A 322 -6.81 -9.01 16.50
N GLN A 323 -7.24 -9.83 15.54
CA GLN A 323 -8.56 -9.74 14.94
C GLN A 323 -8.81 -8.46 14.15
N LEU A 324 -7.99 -8.23 13.12
CA LEU A 324 -8.14 -7.07 12.30
C LEU A 324 -9.02 -7.45 11.15
N ALA A 325 -9.42 -6.49 10.34
CA ALA A 325 -10.30 -6.73 9.21
C ALA A 325 -9.65 -7.57 8.17
N GLY A 326 -8.38 -7.35 7.89
CA GLY A 326 -7.71 -8.15 6.88
C GLY A 326 -6.36 -7.58 6.46
N ALA A 327 -5.98 -7.84 5.23
CA ALA A 327 -4.67 -7.39 4.75
C ALA A 327 -4.70 -6.49 3.50
N MET A 328 -3.65 -5.69 3.36
CA MET A 328 -3.50 -4.82 2.19
C MET A 328 -2.17 -5.15 1.60
N VAL A 329 -2.16 -5.43 0.29
CA VAL A 329 -0.94 -5.76 -0.42
C VAL A 329 -0.64 -4.67 -1.38
N TRP A 330 0.54 -4.08 -1.25
CA TRP A 330 0.95 -2.98 -2.14
C TRP A 330 1.51 -3.51 -3.44
N ALA A 331 0.77 -3.22 -4.50
CA ALA A 331 1.12 -3.57 -5.85
C ALA A 331 1.14 -5.04 -6.19
N LEU A 332 0.14 -5.46 -6.96
CA LEU A 332 0.02 -6.81 -7.46
C LEU A 332 0.95 -6.91 -8.66
N ASP A 333 1.35 -5.75 -9.15
CA ASP A 333 2.23 -5.71 -10.29
C ASP A 333 3.69 -5.93 -9.86
N LEU A 334 3.91 -5.85 -8.55
CA LEU A 334 5.25 -6.08 -8.00
C LEU A 334 5.45 -7.54 -7.53
N ASP A 335 4.33 -8.23 -7.38
CA ASP A 335 4.36 -9.62 -7.00
C ASP A 335 4.61 -10.35 -8.31
N ASP A 336 4.97 -11.61 -8.24
CA ASP A 336 5.24 -12.35 -9.47
C ASP A 336 3.91 -12.63 -10.14
N PHE A 337 3.33 -11.64 -10.80
CA PHE A 337 2.02 -11.85 -11.43
C PHE A 337 2.08 -12.84 -12.52
N ARG A 338 3.14 -12.83 -13.30
CA ARG A 338 3.25 -13.82 -14.38
C ARG A 338 3.47 -15.16 -13.76
N GLY A 339 4.25 -15.17 -12.69
CA GLY A 339 4.51 -16.38 -11.94
C GLY A 339 5.60 -17.23 -12.54
N THR A 340 6.40 -16.64 -13.41
CA THR A 340 7.49 -17.39 -14.03
C THR A 340 8.90 -17.01 -13.56
N PHE A 341 8.99 -16.27 -12.46
CA PHE A 341 10.28 -15.82 -11.95
C PHE A 341 10.76 -16.51 -10.66
N CYS A 342 9.82 -16.94 -9.83
CA CYS A 342 10.18 -17.53 -8.55
C CYS A 342 9.97 -19.02 -8.44
N GLY A 343 10.83 -19.79 -9.07
CA GLY A 343 10.71 -21.24 -9.03
C GLY A 343 9.28 -21.68 -9.26
N GLN A 344 8.64 -22.18 -8.22
CA GLN A 344 7.25 -22.65 -8.28
C GLN A 344 6.45 -22.00 -9.37
N ASN A 345 5.64 -22.82 -10.05
CA ASN A 345 4.80 -22.33 -11.15
C ASN A 345 3.55 -21.62 -10.67
N LEU A 346 3.67 -20.98 -9.51
CA LEU A 346 2.57 -20.25 -8.93
C LEU A 346 2.59 -18.78 -9.37
N THR A 347 1.41 -18.23 -9.56
CA THR A 347 1.22 -16.84 -9.95
C THR A 347 0.80 -16.05 -8.69
N PHE A 348 1.37 -14.90 -8.46
CA PHE A 348 1.06 -14.14 -7.26
C PHE A 348 1.39 -14.99 -6.02
N PRO A 349 2.64 -15.37 -5.83
CA PRO A 349 3.05 -16.21 -4.71
C PRO A 349 2.77 -15.55 -3.37
N LEU A 350 3.34 -14.37 -3.15
CA LEU A 350 3.18 -13.62 -1.92
C LEU A 350 1.71 -13.37 -1.59
N THR A 351 0.95 -12.84 -2.54
CA THR A 351 -0.44 -12.57 -2.27
C THR A 351 -1.17 -13.85 -1.91
N SER A 352 -0.89 -14.92 -2.64
CA SER A 352 -1.48 -16.22 -2.34
C SER A 352 -1.26 -16.55 -0.85
N ALA A 353 -0.01 -16.44 -0.44
CA ALA A 353 0.37 -16.70 0.93
C ALA A 353 -0.59 -15.96 1.86
N VAL A 354 -0.58 -14.65 1.78
CA VAL A 354 -1.46 -13.84 2.62
C VAL A 354 -2.87 -14.41 2.56
N LYS A 355 -3.33 -14.76 1.37
CA LYS A 355 -4.68 -15.31 1.20
C LYS A 355 -4.86 -16.66 1.87
N ASP A 356 -3.97 -17.58 1.59
CA ASP A 356 -3.99 -18.91 2.14
C ASP A 356 -4.20 -18.85 3.64
N VAL A 357 -3.43 -18.05 4.38
CA VAL A 357 -3.57 -17.92 5.85
C VAL A 357 -4.90 -17.37 6.29
N LEU A 358 -5.35 -16.33 5.58
CA LEU A 358 -6.61 -15.66 5.82
C LEU A 358 -7.79 -16.57 5.55
N ALA A 359 -7.58 -17.56 4.71
CA ALA A 359 -8.62 -18.48 4.32
C ALA A 359 -8.71 -19.77 5.14
N ARG A 360 -7.67 -20.12 5.90
CA ARG A 360 -7.75 -21.33 6.67
C ARG A 360 -8.41 -21.08 8.00
N VAL A 361 -9.16 -19.98 8.09
CA VAL A 361 -9.90 -19.58 9.28
C VAL A 361 -10.32 -18.12 9.16
N TRP B 1 15.79 9.95 -6.03
CA TRP B 1 15.45 9.70 -4.59
C TRP B 1 14.04 9.10 -4.34
N PRO B 2 13.23 8.91 -5.39
CA PRO B 2 11.88 8.34 -5.28
C PRO B 2 11.46 7.19 -4.39
N TRP B 3 10.16 6.99 -4.51
CA TRP B 3 9.37 6.00 -3.80
C TRP B 3 7.98 6.62 -3.88
C1 NAG C . -3.35 16.05 -12.73
C2 NAG C . -2.51 16.25 -13.99
C3 NAG C . -1.42 17.27 -13.76
C4 NAG C . -2.07 18.56 -13.19
C5 NAG C . -2.98 18.25 -12.02
C6 NAG C . -3.57 19.58 -11.53
C7 NAG C . -1.86 14.44 -15.54
C8 NAG C . -1.08 13.18 -15.68
N2 NAG C . -1.85 15.02 -14.36
O3 NAG C . -0.81 17.54 -15.01
O4 NAG C . -1.19 19.66 -12.89
O5 NAG C . -3.95 17.29 -12.42
O6 NAG C . -4.32 20.16 -12.55
O7 NAG C . -2.49 14.90 -16.48
C1 NAG C . -0.71 20.90 -13.49
C2 NAG C . -0.08 21.96 -12.54
C3 NAG C . 0.05 23.31 -13.23
C4 NAG C . 0.57 23.12 -14.66
C5 NAG C . -0.27 22.12 -15.46
C6 NAG C . 0.25 21.82 -16.89
C7 NAG C . -0.63 21.17 -10.35
C8 NAG C . -1.54 21.17 -9.13
N2 NAG C . -0.84 22.07 -11.32
O3 NAG C . 0.93 24.08 -12.45
O4 NAG C . 0.56 24.32 -15.38
O5 NAG C . -0.46 20.88 -14.85
O6 NAG C . 1.17 20.74 -16.96
O7 NAG C . 0.30 20.35 -10.50
#